data_2F5K
#
_entry.id   2F5K
#
_cell.length_a   109.480
_cell.length_b   80.313
_cell.length_c   81.285
_cell.angle_alpha   90.00
_cell.angle_beta   123.91
_cell.angle_gamma   90.00
#
_symmetry.space_group_name_H-M   'C 1 2 1'
#
loop_
_entity.id
_entity.type
_entity.pdbx_description
1 polymer 'Mortality factor 4-like protein 1'
2 water water
#
_entity_poly.entity_id   1
_entity_poly.type   'polypeptide(L)'
_entity_poly.pdbx_seq_one_letter_code
;MHHHHHHAMGILMAPKQDPKPKFQEGERVLCFHGPLLYEAKCVKVAIKDKQVKYFIHYSGWNKNWDEWVPESRVLKYVDT
NLQKQRELQKANQEQYAEGKMR
;
_entity_poly.pdbx_strand_id   A,B,C,D,E,F
#
# COMPACT_ATOMS: atom_id res chain seq x y z
N ASP A 18 -1.20 -22.61 28.94
CA ASP A 18 -0.58 -21.26 29.06
C ASP A 18 -1.62 -20.24 29.50
N PRO A 19 -1.30 -19.51 30.56
CA PRO A 19 -2.21 -18.54 31.18
C PRO A 19 -3.30 -17.92 30.29
N LYS A 20 -4.51 -17.91 30.83
CA LYS A 20 -5.70 -17.33 30.20
C LYS A 20 -5.94 -17.74 28.75
N PRO A 21 -6.89 -18.64 28.53
CA PRO A 21 -7.29 -19.05 27.18
C PRO A 21 -8.44 -18.20 26.64
N LYS A 22 -8.66 -18.32 25.34
CA LYS A 22 -9.65 -17.55 24.60
C LYS A 22 -11.07 -17.84 25.05
N PHE A 23 -11.37 -19.10 25.34
CA PHE A 23 -12.75 -19.48 25.61
C PHE A 23 -13.05 -19.97 27.02
N GLN A 24 -14.32 -20.00 27.36
CA GLN A 24 -14.77 -20.42 28.69
C GLN A 24 -15.77 -21.56 28.66
N GLU A 25 -15.86 -22.28 29.77
CA GLU A 25 -16.82 -23.37 29.86
C GLU A 25 -18.20 -22.76 29.76
N GLY A 26 -19.00 -23.32 28.87
CA GLY A 26 -20.34 -22.82 28.67
C GLY A 26 -20.45 -21.93 27.43
N GLU A 27 -19.34 -21.32 27.02
CA GLU A 27 -19.37 -20.37 25.91
C GLU A 27 -19.89 -20.95 24.60
N ARG A 28 -20.93 -20.34 24.06
CA ARG A 28 -21.40 -20.72 22.75
C ARG A 28 -20.29 -20.28 21.80
N VAL A 29 -19.95 -21.15 20.83
CA VAL A 29 -18.80 -20.92 19.96
C VAL A 29 -19.00 -21.45 18.55
N LEU A 30 -18.06 -21.13 17.69
CA LEU A 30 -18.12 -21.70 16.37
C LEU A 30 -16.91 -22.55 16.33
N CYS A 31 -17.06 -23.77 15.88
CA CYS A 31 -15.91 -24.63 15.91
C CYS A 31 -15.76 -25.26 14.57
N PHE A 32 -14.50 -25.36 14.12
CA PHE A 32 -14.16 -26.01 12.89
C PHE A 32 -14.18 -27.53 13.06
N HIS A 33 -14.70 -28.23 12.07
CA HIS A 33 -14.68 -29.65 12.09
C HIS A 33 -14.05 -30.18 10.80
N GLY A 34 -14.76 -30.12 9.69
CA GLY A 34 -14.04 -30.45 8.46
C GLY A 34 -13.58 -29.12 7.86
N PRO A 35 -14.04 -28.83 6.66
CA PRO A 35 -13.84 -27.53 6.02
C PRO A 35 -14.96 -26.59 6.44
N LEU A 36 -15.73 -26.99 7.44
CA LEU A 36 -16.90 -26.25 7.85
C LEU A 36 -16.86 -25.79 9.30
N LEU A 37 -17.61 -24.74 9.57
CA LEU A 37 -17.75 -24.21 10.93
C LEU A 37 -19.11 -24.58 11.53
N TYR A 38 -19.15 -25.00 12.78
CA TYR A 38 -20.44 -25.34 13.40
C TYR A 38 -20.67 -24.61 14.69
N GLU A 39 -21.93 -24.38 15.01
CA GLU A 39 -22.24 -23.80 16.29
C GLU A 39 -21.87 -24.84 17.31
N ALA A 40 -21.45 -24.42 18.49
CA ALA A 40 -21.01 -25.38 19.46
C ALA A 40 -20.85 -24.76 20.80
N LYS A 41 -20.69 -25.62 21.80
CA LYS A 41 -20.49 -25.24 23.19
C LYS A 41 -19.13 -25.72 23.71
N CYS A 42 -18.51 -24.90 24.55
CA CYS A 42 -17.25 -25.25 25.15
C CYS A 42 -17.51 -25.94 26.49
N VAL A 43 -17.62 -27.26 26.47
CA VAL A 43 -17.91 -28.02 27.70
C VAL A 43 -16.73 -28.04 28.65
N LYS A 44 -15.54 -28.28 28.13
CA LYS A 44 -14.34 -28.35 28.97
C LYS A 44 -13.13 -27.57 28.41
N VAL A 45 -12.29 -27.11 29.33
CA VAL A 45 -11.09 -26.36 29.02
C VAL A 45 -9.94 -26.99 29.77
N ALA A 46 -8.99 -27.58 29.06
CA ALA A 46 -7.84 -28.18 29.71
C ALA A 46 -6.54 -27.65 29.15
N ILE A 47 -5.60 -27.37 30.04
CA ILE A 47 -4.30 -26.85 29.65
C ILE A 47 -3.28 -27.99 29.70
N LYS A 48 -2.48 -28.11 28.65
CA LYS A 48 -1.45 -29.12 28.56
C LYS A 48 -0.21 -28.61 27.86
N ASP A 49 0.92 -28.65 28.56
CA ASP A 49 2.21 -28.27 28.00
C ASP A 49 2.17 -26.93 27.29
N LYS A 50 1.49 -25.97 27.90
CA LYS A 50 1.44 -24.61 27.36
C LYS A 50 0.44 -24.50 26.21
N GLN A 51 -0.12 -25.64 25.81
CA GLN A 51 -1.11 -25.67 24.75
C GLN A 51 -2.49 -25.88 25.38
N VAL A 52 -3.41 -24.95 25.11
CA VAL A 52 -4.75 -25.02 25.67
C VAL A 52 -5.68 -25.79 24.75
N LYS A 53 -6.43 -26.73 25.32
CA LYS A 53 -7.33 -27.56 24.53
C LYS A 53 -8.77 -27.34 24.95
N TYR A 54 -9.71 -27.73 24.10
CA TYR A 54 -11.11 -27.59 24.45
C TYR A 54 -11.90 -28.81 24.11
N PHE A 55 -12.72 -29.24 25.06
CA PHE A 55 -13.60 -30.35 24.78
C PHE A 55 -14.89 -29.73 24.26
N ILE A 56 -15.37 -30.19 23.11
CA ILE A 56 -16.57 -29.56 22.58
C ILE A 56 -17.75 -30.44 22.19
N HIS A 57 -18.93 -29.90 22.42
CA HIS A 57 -20.13 -30.55 21.97
C HIS A 57 -20.67 -29.73 20.82
N TYR A 58 -20.84 -30.34 19.68
CA TYR A 58 -21.38 -29.62 18.56
C TYR A 58 -22.89 -29.61 18.76
N SER A 59 -23.46 -28.41 18.73
CA SER A 59 -24.88 -28.26 18.97
C SER A 59 -25.74 -28.93 17.92
N GLY A 60 -26.77 -29.62 18.39
CA GLY A 60 -27.65 -30.35 17.51
C GLY A 60 -26.96 -31.64 17.08
N TRP A 61 -25.84 -31.96 17.72
CA TRP A 61 -25.07 -33.14 17.35
C TRP A 61 -25.02 -34.11 18.51
N ASN A 62 -25.14 -35.39 18.17
CA ASN A 62 -25.09 -36.43 19.15
C ASN A 62 -23.74 -36.41 19.90
N LYS A 63 -23.80 -36.61 21.20
CA LYS A 63 -22.63 -36.48 22.05
C LYS A 63 -21.44 -37.39 21.72
N ASN A 64 -21.61 -38.35 20.83
CA ASN A 64 -20.48 -39.21 20.51
C ASN A 64 -19.43 -38.45 19.74
N TRP A 65 -19.89 -37.50 18.93
CA TRP A 65 -19.02 -36.63 18.16
C TRP A 65 -18.34 -35.57 19.00
N ASP A 66 -18.73 -35.48 20.27
CA ASP A 66 -18.06 -34.54 21.16
C ASP A 66 -16.57 -34.85 21.12
N GLU A 67 -15.74 -33.82 20.99
CA GLU A 67 -14.32 -34.05 20.86
C GLU A 67 -13.40 -32.97 21.41
N TRP A 68 -12.13 -33.35 21.56
CA TRP A 68 -11.12 -32.41 22.00
C TRP A 68 -10.62 -31.68 20.78
N VAL A 69 -10.36 -30.39 20.95
CA VAL A 69 -10.01 -29.55 19.81
C VAL A 69 -8.95 -28.58 20.30
N PRO A 70 -7.94 -28.29 19.49
CA PRO A 70 -6.97 -27.26 19.88
C PRO A 70 -7.64 -25.89 19.74
N GLU A 71 -7.12 -24.88 20.42
CA GLU A 71 -7.69 -23.54 20.35
C GLU A 71 -7.88 -23.02 18.93
N SER A 72 -6.90 -23.24 18.08
CA SER A 72 -6.96 -22.74 16.71
C SER A 72 -8.21 -23.19 15.95
N ARG A 73 -8.96 -24.13 16.49
CA ARG A 73 -10.15 -24.55 15.76
C ARG A 73 -11.41 -23.93 16.27
N VAL A 74 -11.25 -23.13 17.32
CA VAL A 74 -12.40 -22.50 17.92
C VAL A 74 -12.45 -21.01 17.60
N LEU A 75 -13.62 -20.53 17.20
CA LEU A 75 -13.77 -19.10 16.87
C LEU A 75 -14.91 -18.56 17.71
N LYS A 76 -14.75 -17.28 18.05
CA LYS A 76 -15.73 -16.53 18.79
C LYS A 76 -17.04 -16.45 18.02
N TYR A 77 -18.16 -16.49 18.73
CA TYR A 77 -19.46 -16.45 18.09
C TYR A 77 -19.84 -14.99 17.84
N VAL A 78 -19.35 -14.43 16.74
CA VAL A 78 -19.59 -13.04 16.40
C VAL A 78 -19.84 -12.86 14.92
N ASP A 79 -20.40 -11.69 14.57
CA ASP A 79 -20.76 -11.40 13.17
C ASP A 79 -19.69 -11.76 12.15
N THR A 80 -18.46 -11.32 12.38
CA THR A 80 -17.35 -11.63 11.46
C THR A 80 -17.22 -13.15 11.23
N ASN A 81 -17.25 -13.93 12.31
CA ASN A 81 -17.15 -15.38 12.15
C ASN A 81 -18.40 -16.05 11.58
N LEU A 82 -19.58 -15.50 11.88
CA LEU A 82 -20.82 -16.00 11.26
C LEU A 82 -20.78 -15.77 9.76
N GLN A 83 -20.25 -14.62 9.31
CA GLN A 83 -20.09 -14.35 7.89
C GLN A 83 -19.12 -15.35 7.28
N LYS A 84 -18.07 -15.70 8.03
CA LYS A 84 -17.08 -16.66 7.55
C LYS A 84 -17.76 -18.03 7.46
N GLN A 85 -18.59 -18.34 8.46
CA GLN A 85 -19.31 -19.61 8.46
C GLN A 85 -20.11 -19.75 7.19
N ARG A 86 -20.81 -18.68 6.86
CA ARG A 86 -21.69 -18.67 5.70
C ARG A 86 -20.90 -18.77 4.41
N GLU A 87 -19.73 -18.14 4.37
CA GLU A 87 -18.92 -18.23 3.17
C GLU A 87 -18.34 -19.62 3.00
N LEU A 88 -17.97 -20.28 4.07
CA LEU A 88 -17.47 -21.64 3.94
C LEU A 88 -18.64 -22.55 3.51
N GLN A 89 -19.83 -22.30 4.04
CA GLN A 89 -20.99 -23.11 3.68
C GLN A 89 -21.22 -23.11 2.19
N LYS A 90 -21.30 -21.92 1.61
CA LYS A 90 -21.49 -21.78 0.18
C LYS A 90 -20.31 -22.34 -0.61
N ALA A 91 -19.10 -22.08 -0.15
CA ALA A 91 -17.96 -22.65 -0.83
C ALA A 91 -18.10 -24.17 -0.85
N ASN A 92 -18.33 -24.76 0.32
CA ASN A 92 -18.54 -26.20 0.43
C ASN A 92 -19.70 -26.61 -0.49
N GLN A 93 -20.84 -25.94 -0.32
CA GLN A 93 -21.99 -26.24 -1.16
C GLN A 93 -21.60 -26.22 -2.62
N GLU A 94 -20.64 -25.37 -2.95
CA GLU A 94 -20.19 -25.28 -4.34
C GLU A 94 -19.37 -26.51 -4.69
N GLN A 95 -18.72 -27.10 -3.70
CA GLN A 95 -17.95 -28.31 -3.94
C GLN A 95 -18.88 -29.50 -4.15
N TYR A 96 -19.92 -29.60 -3.31
CA TYR A 96 -20.90 -30.67 -3.45
C TYR A 96 -21.52 -30.59 -4.84
N ALA A 97 -21.99 -29.40 -5.20
CA ALA A 97 -22.64 -29.17 -6.49
C ALA A 97 -21.73 -29.46 -7.67
N GLU A 98 -20.43 -29.34 -7.46
CA GLU A 98 -19.49 -29.64 -8.53
C GLU A 98 -19.20 -31.14 -8.61
N GLY A 99 -19.44 -31.86 -7.51
CA GLY A 99 -19.21 -33.30 -7.47
C GLY A 99 -20.24 -34.12 -8.22
N LYS A 100 -20.88 -33.52 -9.21
CA LYS A 100 -21.88 -34.17 -10.04
C LYS A 100 -21.87 -33.55 -11.43
N ASP B 18 12.54 17.48 3.21
CA ASP B 18 11.77 18.68 2.78
C ASP B 18 10.94 19.15 3.98
N PRO B 19 11.35 20.25 4.60
CA PRO B 19 10.64 20.79 5.77
C PRO B 19 9.12 20.96 5.58
N LYS B 20 8.71 21.72 4.56
CA LYS B 20 7.30 22.01 4.38
C LYS B 20 6.60 21.29 3.21
N PRO B 21 5.43 20.71 3.51
CA PRO B 21 4.64 19.94 2.54
C PRO B 21 3.80 20.80 1.60
N LYS B 22 3.75 20.41 0.36
CA LYS B 22 3.04 21.18 -0.63
C LYS B 22 1.55 21.06 -0.47
N PHE B 23 1.10 19.96 0.12
CA PHE B 23 -0.34 19.76 0.26
C PHE B 23 -0.65 19.47 1.73
N GLN B 24 -1.90 19.62 2.16
CA GLN B 24 -2.24 19.24 3.52
C GLN B 24 -3.41 18.27 3.61
N GLU B 25 -3.55 17.69 4.80
CA GLU B 25 -4.56 16.69 5.09
C GLU B 25 -5.91 17.26 4.89
N GLY B 26 -6.77 16.56 4.16
CA GLY B 26 -8.10 17.09 3.93
C GLY B 26 -8.17 17.85 2.62
N GLU B 27 -7.03 18.20 2.02
CA GLU B 27 -7.06 18.96 0.76
C GLU B 27 -7.49 18.09 -0.41
N ARG B 28 -8.48 18.58 -1.15
CA ARG B 28 -8.90 17.96 -2.37
C ARG B 28 -7.78 18.20 -3.37
N VAL B 29 -7.40 17.16 -4.10
CA VAL B 29 -6.29 17.32 -5.02
C VAL B 29 -6.54 16.59 -6.32
N LEU B 30 -5.62 16.72 -7.27
CA LEU B 30 -5.68 15.89 -8.45
C LEU B 30 -4.49 14.99 -8.33
N CYS B 31 -4.61 13.74 -8.72
CA CYS B 31 -3.50 12.85 -8.49
C CYS B 31 -3.35 11.90 -9.63
N PHE B 32 -2.10 11.65 -10.04
CA PHE B 32 -1.82 10.68 -11.09
C PHE B 32 -1.91 9.24 -10.62
N HIS B 33 -2.56 8.39 -11.42
CA HIS B 33 -2.57 6.99 -11.15
C HIS B 33 -2.38 6.37 -12.51
N GLY B 34 -1.18 5.88 -12.79
CA GLY B 34 -0.91 5.50 -14.17
C GLY B 34 -0.83 6.79 -14.99
N PRO B 35 -1.31 6.77 -16.21
CA PRO B 35 -1.24 7.93 -17.11
C PRO B 35 -2.35 8.96 -16.98
N LEU B 36 -3.24 8.82 -16.01
CA LEU B 36 -4.40 9.71 -15.90
C LEU B 36 -4.47 10.41 -14.55
N LEU B 37 -5.09 11.56 -14.56
CA LEU B 37 -5.29 12.40 -13.38
C LEU B 37 -6.68 12.19 -12.81
N TYR B 38 -6.75 11.94 -11.50
CA TYR B 38 -8.02 11.69 -10.84
C TYR B 38 -8.22 12.64 -9.68
N GLU B 39 -9.47 13.02 -9.48
CA GLU B 39 -9.86 13.78 -8.31
C GLU B 39 -9.54 12.93 -7.08
N ALA B 40 -8.96 13.54 -6.08
CA ALA B 40 -8.57 12.81 -4.89
C ALA B 40 -8.46 13.72 -3.67
N LYS B 41 -8.23 13.10 -2.52
CA LYS B 41 -8.10 13.79 -1.26
C LYS B 41 -6.86 13.32 -0.46
N CYS B 42 -6.14 14.27 0.08
CA CYS B 42 -4.98 13.94 0.90
C CYS B 42 -5.47 13.50 2.27
N VAL B 43 -5.29 12.23 2.59
CA VAL B 43 -5.78 11.75 3.88
C VAL B 43 -4.70 11.94 4.95
N LYS B 44 -3.46 11.66 4.60
CA LYS B 44 -2.37 11.81 5.55
C LYS B 44 -1.09 12.29 4.89
N VAL B 45 -0.38 13.19 5.56
CA VAL B 45 0.89 13.69 5.07
C VAL B 45 1.98 13.07 5.91
N ALA B 46 3.09 12.67 5.28
CA ALA B 46 4.22 12.08 6.01
C ALA B 46 5.53 12.36 5.32
N ILE B 47 6.55 12.64 6.11
CA ILE B 47 7.86 12.93 5.55
C ILE B 47 8.84 11.80 5.86
N LYS B 48 9.22 11.07 4.83
CA LYS B 48 10.15 9.97 4.99
C LYS B 48 11.48 10.28 4.31
N ASP B 49 12.56 10.31 5.10
CA ASP B 49 13.88 10.53 4.53
C ASP B 49 13.94 11.88 3.84
N LYS B 50 13.18 12.83 4.38
CA LYS B 50 13.06 14.18 3.83
C LYS B 50 12.56 14.21 2.38
N GLN B 51 11.73 13.25 2.03
CA GLN B 51 10.99 13.29 0.78
C GLN B 51 9.59 13.37 1.33
N VAL B 52 8.69 14.06 0.66
CA VAL B 52 7.33 14.12 1.19
C VAL B 52 6.46 13.07 0.50
N LYS B 53 5.63 12.38 1.29
CA LYS B 53 4.73 11.35 0.77
C LYS B 53 3.32 11.61 1.25
N TYR B 54 2.35 11.21 0.45
CA TYR B 54 0.96 11.47 0.82
C TYR B 54 0.15 10.20 0.72
N PHE B 55 -0.84 10.06 1.61
CA PHE B 55 -1.75 8.93 1.58
C PHE B 55 -2.98 9.47 0.93
N ILE B 56 -3.31 8.89 -0.22
CA ILE B 56 -4.36 9.41 -1.08
C ILE B 56 -5.56 8.49 -1.17
N HIS B 57 -6.72 9.11 -1.06
CA HIS B 57 -7.96 8.41 -1.38
C HIS B 57 -8.53 9.02 -2.66
N TYR B 58 -8.75 8.18 -3.65
CA TYR B 58 -9.34 8.58 -4.91
C TYR B 58 -10.84 8.62 -4.76
N SER B 59 -11.38 9.79 -5.14
CA SER B 59 -12.77 10.07 -5.01
C SER B 59 -13.58 9.11 -5.84
N GLY B 60 -14.54 8.44 -5.21
CA GLY B 60 -15.42 7.52 -5.92
C GLY B 60 -14.82 6.15 -5.95
N TRP B 61 -13.62 5.99 -5.41
CA TRP B 61 -13.01 4.67 -5.50
C TRP B 61 -13.08 3.99 -4.16
N ASN B 62 -13.11 2.67 -4.22
CA ASN B 62 -13.06 1.94 -2.98
C ASN B 62 -11.75 2.19 -2.22
N LYS B 63 -11.84 2.10 -0.90
CA LYS B 63 -10.68 2.28 -0.03
C LYS B 63 -9.49 1.34 -0.19
N ASN B 64 -9.72 0.16 -0.77
CA ASN B 64 -8.61 -0.75 -1.04
C ASN B 64 -7.66 -0.10 -2.04
N TRP B 65 -8.14 0.96 -2.68
CA TRP B 65 -7.28 1.69 -3.61
C TRP B 65 -6.40 2.77 -2.99
N ASP B 66 -6.72 3.21 -1.77
CA ASP B 66 -5.94 4.25 -1.09
C ASP B 66 -4.47 3.88 -1.11
N GLU B 67 -3.57 4.84 -1.23
CA GLU B 67 -2.13 4.49 -1.30
C GLU B 67 -1.24 5.66 -0.99
N TRP B 68 -0.01 5.32 -0.64
CA TRP B 68 1.00 6.30 -0.36
C TRP B 68 1.59 6.69 -1.67
N VAL B 69 1.74 7.99 -1.86
CA VAL B 69 2.22 8.53 -3.14
C VAL B 69 3.23 9.64 -2.86
N PRO B 70 4.28 9.73 -3.67
CA PRO B 70 5.26 10.81 -3.51
C PRO B 70 4.67 12.08 -4.13
N GLU B 71 5.13 13.21 -3.64
CA GLU B 71 4.73 14.53 -4.08
C GLU B 71 4.55 14.70 -5.58
N SER B 72 5.52 14.23 -6.34
CA SER B 72 5.52 14.31 -7.79
C SER B 72 4.18 13.90 -8.42
N ARG B 73 3.47 12.92 -7.89
CA ARG B 73 2.19 12.51 -8.50
C ARG B 73 1.01 13.36 -8.09
N VAL B 74 1.22 14.30 -7.19
CA VAL B 74 0.08 15.06 -6.69
C VAL B 74 -0.01 16.44 -7.27
N LEU B 75 -1.20 16.84 -7.70
CA LEU B 75 -1.37 18.17 -8.30
C LEU B 75 -2.47 19.00 -7.61
N LYS B 76 -2.23 20.30 -7.50
CA LYS B 76 -3.20 21.21 -6.93
C LYS B 76 -4.53 21.25 -7.74
N TYR B 77 -5.63 21.38 -7.02
CA TYR B 77 -6.91 21.35 -7.69
C TYR B 77 -7.25 22.76 -8.22
N VAL B 78 -6.71 23.13 -9.38
CA VAL B 78 -6.91 24.47 -9.92
C VAL B 78 -7.13 24.38 -11.41
N ASP B 79 -7.70 25.43 -12.01
CA ASP B 79 -8.01 25.41 -13.44
C ASP B 79 -6.94 24.85 -14.33
N THR B 80 -5.72 25.29 -14.18
CA THR B 80 -4.67 24.79 -15.02
C THR B 80 -4.56 23.27 -15.00
N ASN B 81 -4.64 22.68 -13.82
CA ASN B 81 -4.46 21.23 -13.75
C ASN B 81 -5.73 20.53 -14.14
N LEU B 82 -6.89 21.14 -13.92
CA LEU B 82 -8.14 20.51 -14.40
C LEU B 82 -8.11 20.43 -15.93
N GLN B 83 -7.63 21.50 -16.58
CA GLN B 83 -7.50 21.49 -18.04
C GLN B 83 -6.50 20.39 -18.47
N LYS B 84 -5.43 20.22 -17.72
CA LYS B 84 -4.49 19.17 -18.09
C LYS B 84 -5.25 17.85 -17.95
N GLN B 85 -6.02 17.72 -16.87
CA GLN B 85 -6.79 16.49 -16.67
C GLN B 85 -7.70 16.17 -17.88
N ARG B 86 -8.40 17.19 -18.33
CA ARG B 86 -9.34 17.15 -19.46
C ARG B 86 -8.57 16.66 -20.73
N GLU B 87 -7.40 17.27 -20.93
CA GLU B 87 -6.55 16.99 -22.07
C GLU B 87 -6.04 15.57 -22.04
N LEU B 88 -5.74 15.04 -20.85
CA LEU B 88 -5.26 13.65 -20.78
C LEU B 88 -6.40 12.67 -21.03
N GLN B 89 -7.61 13.02 -20.61
CA GLN B 89 -8.74 12.15 -20.87
C GLN B 89 -9.08 12.10 -22.37
N LYS B 90 -8.99 13.24 -23.03
CA LYS B 90 -9.19 13.33 -24.45
C LYS B 90 -8.15 12.50 -25.18
N ALA B 91 -6.88 12.67 -24.81
CA ALA B 91 -5.80 11.89 -25.45
C ALA B 91 -6.07 10.41 -25.30
N ASN B 92 -6.56 10.04 -24.12
CA ASN B 92 -6.87 8.64 -23.89
C ASN B 92 -8.09 8.18 -24.68
N GLN B 93 -9.02 9.08 -24.94
CA GLN B 93 -10.20 8.74 -25.73
C GLN B 93 -9.77 8.59 -27.18
N GLU B 94 -8.79 9.38 -27.59
CA GLU B 94 -8.27 9.32 -28.94
C GLU B 94 -7.44 8.08 -29.14
N GLN B 95 -6.94 7.50 -28.05
CA GLN B 95 -6.16 6.29 -28.18
C GLN B 95 -7.11 5.11 -28.25
N TYR B 96 -8.21 5.18 -27.50
CA TYR B 96 -9.22 4.13 -27.49
C TYR B 96 -9.99 4.14 -28.81
N ALA B 97 -10.00 5.30 -29.47
CA ALA B 97 -10.70 5.47 -30.74
C ALA B 97 -9.88 4.84 -31.84
N GLU B 98 -8.58 4.73 -31.62
CA GLU B 98 -7.71 4.17 -32.64
C GLU B 98 -7.42 2.70 -32.38
N GLY B 99 -8.01 2.16 -31.33
CA GLY B 99 -7.88 0.76 -31.02
C GLY B 99 -9.03 0.05 -31.69
N LYS B 100 -10.15 0.78 -31.80
CA LYS B 100 -11.37 0.27 -32.40
C LYS B 100 -11.29 0.32 -33.92
N MET B 101 -10.23 0.95 -34.44
CA MET B 101 -10.05 1.04 -35.88
C MET B 101 -9.09 -0.04 -36.40
N ARG B 102 -8.73 -0.99 -35.54
CA ARG B 102 -7.83 -2.07 -35.94
C ARG B 102 -8.40 -3.45 -35.58
N PRO C 19 -8.06 -35.94 12.42
CA PRO C 19 -9.40 -35.38 12.12
C PRO C 19 -9.58 -35.17 10.63
N LYS C 20 -10.78 -34.76 10.23
CA LYS C 20 -11.04 -34.46 8.84
C LYS C 20 -10.37 -33.12 8.52
N PRO C 21 -9.29 -33.18 7.77
CA PRO C 21 -8.52 -31.96 7.47
C PRO C 21 -9.42 -30.81 7.00
N LYS C 22 -8.98 -29.58 7.22
CA LYS C 22 -9.75 -28.39 6.86
C LYS C 22 -9.74 -28.16 5.35
N PHE C 23 -8.69 -28.64 4.70
CA PHE C 23 -8.55 -28.49 3.26
C PHE C 23 -8.39 -29.87 2.58
N GLN C 24 -8.73 -29.95 1.29
CA GLN C 24 -8.57 -31.18 0.53
C GLN C 24 -7.41 -30.98 -0.44
N GLU C 25 -7.06 -32.03 -1.18
CA GLU C 25 -5.95 -31.95 -2.11
C GLU C 25 -6.40 -31.26 -3.39
N GLY C 26 -5.50 -30.44 -3.93
CA GLY C 26 -5.81 -29.65 -5.11
C GLY C 26 -6.70 -28.43 -4.87
N GLU C 27 -7.00 -28.13 -3.62
CA GLU C 27 -7.91 -26.99 -3.34
C GLU C 27 -7.21 -25.68 -3.52
N ARG C 28 -7.89 -24.69 -4.10
CA ARG C 28 -7.29 -23.36 -4.19
C ARG C 28 -7.37 -22.68 -2.82
N VAL C 29 -6.27 -22.16 -2.32
CA VAL C 29 -6.29 -21.60 -0.98
C VAL C 29 -5.53 -20.26 -0.87
N LEU C 30 -5.51 -19.67 0.31
CA LEU C 30 -4.66 -18.52 0.60
C LEU C 30 -3.73 -19.00 1.71
N CYS C 31 -2.44 -18.70 1.61
CA CYS C 31 -1.49 -19.18 2.58
C CYS C 31 -0.57 -18.06 2.94
N PHE C 32 -0.36 -17.88 4.24
CA PHE C 32 0.55 -16.87 4.79
C PHE C 32 1.99 -17.23 4.48
N HIS C 33 2.79 -16.22 4.21
CA HIS C 33 4.20 -16.44 4.06
C HIS C 33 4.78 -15.11 4.49
N GLY C 34 5.45 -15.06 5.63
CA GLY C 34 5.89 -13.74 6.12
C GLY C 34 4.64 -12.91 6.50
N PRO C 35 4.60 -11.61 6.22
CA PRO C 35 3.40 -10.80 6.57
C PRO C 35 2.28 -10.79 5.52
N LEU C 36 2.33 -11.64 4.51
CA LEU C 36 1.35 -11.54 3.43
C LEU C 36 0.63 -12.83 3.12
N LEU C 37 -0.54 -12.71 2.51
CA LEU C 37 -1.35 -13.86 2.11
C LEU C 37 -1.16 -14.07 0.63
N TYR C 38 -0.96 -15.32 0.19
CA TYR C 38 -0.76 -15.64 -1.24
C TYR C 38 -1.72 -16.68 -1.75
N GLU C 39 -2.21 -16.51 -2.98
CA GLU C 39 -3.03 -17.53 -3.59
C GLU C 39 -2.12 -18.77 -3.74
N ALA C 40 -2.64 -19.91 -3.33
CA ALA C 40 -1.85 -21.13 -3.28
C ALA C 40 -2.72 -22.33 -3.50
N LYS C 41 -2.04 -23.43 -3.77
CA LYS C 41 -2.65 -24.71 -4.03
C LYS C 41 -2.26 -25.77 -2.99
N CYS C 42 -3.24 -26.43 -2.40
CA CYS C 42 -2.97 -27.50 -1.45
C CYS C 42 -2.62 -28.80 -2.21
N VAL C 43 -1.34 -29.10 -2.32
CA VAL C 43 -0.95 -30.27 -3.12
C VAL C 43 -1.25 -31.57 -2.39
N LYS C 44 -0.70 -31.70 -1.20
CA LYS C 44 -0.87 -32.92 -0.43
C LYS C 44 -1.29 -32.67 0.99
N VAL C 45 -2.15 -33.55 1.49
CA VAL C 45 -2.64 -33.46 2.85
C VAL C 45 -2.13 -34.66 3.63
N ALA C 46 -1.38 -34.41 4.69
CA ALA C 46 -0.86 -35.50 5.49
C ALA C 46 -1.16 -35.28 6.98
N ILE C 47 -1.75 -36.30 7.60
CA ILE C 47 -2.09 -36.22 9.02
C ILE C 47 -0.94 -36.74 9.88
N LYS C 48 0.11 -35.96 10.03
CA LYS C 48 1.28 -36.39 10.78
C LYS C 48 0.99 -36.56 12.27
N ASP C 49 2.07 -36.75 13.03
CA ASP C 49 2.04 -36.98 14.49
C ASP C 49 0.64 -36.92 15.11
N LYS C 50 0.22 -35.72 15.47
CA LYS C 50 -1.07 -35.52 16.12
C LYS C 50 -1.99 -34.72 15.19
N GLN C 51 -1.42 -33.66 14.61
CA GLN C 51 -2.17 -32.72 13.78
C GLN C 51 -1.93 -32.89 12.27
N VAL C 52 -2.67 -32.12 11.48
CA VAL C 52 -2.62 -32.19 10.03
C VAL C 52 -1.73 -31.10 9.46
N LYS C 53 -0.97 -31.45 8.42
CA LYS C 53 -0.12 -30.48 7.73
C LYS C 53 -0.41 -30.46 6.22
N TYR C 54 0.02 -29.40 5.53
CA TYR C 54 -0.28 -29.31 4.11
C TYR C 54 0.94 -28.97 3.26
N PHE C 55 1.05 -29.66 2.11
CA PHE C 55 2.12 -29.32 1.19
C PHE C 55 1.56 -28.25 0.23
N ILE C 56 2.16 -27.06 0.30
CA ILE C 56 1.68 -25.88 -0.41
C ILE C 56 2.53 -25.53 -1.61
N HIS C 57 1.89 -25.29 -2.74
CA HIS C 57 2.66 -24.80 -3.89
C HIS C 57 2.82 -23.24 -4.02
N TYR C 58 1.75 -22.47 -4.06
CA TYR C 58 1.94 -21.00 -4.24
C TYR C 58 1.85 -20.60 -5.72
N SER C 59 0.65 -20.24 -6.12
CA SER C 59 0.37 -19.96 -7.54
C SER C 59 1.38 -19.01 -8.17
N GLY C 60 1.98 -19.47 -9.28
CA GLY C 60 2.94 -18.66 -10.00
C GLY C 60 4.32 -18.52 -9.40
N TRP C 61 4.57 -19.26 -8.32
CA TRP C 61 5.90 -19.27 -7.68
C TRP C 61 6.63 -20.49 -8.18
N ASN C 62 7.94 -20.40 -8.27
CA ASN C 62 8.72 -21.57 -8.68
C ASN C 62 8.57 -22.69 -7.65
N LYS C 63 8.59 -23.93 -8.12
CA LYS C 63 8.40 -25.11 -7.29
C LYS C 63 9.29 -25.32 -6.06
N ASN C 64 10.38 -24.60 -5.92
CA ASN C 64 11.18 -24.89 -4.74
C ASN C 64 10.80 -24.14 -3.48
N TRP C 65 9.80 -23.26 -3.58
CA TRP C 65 9.27 -22.54 -2.43
C TRP C 65 8.14 -23.35 -1.85
N ASP C 66 7.82 -24.47 -2.50
CA ASP C 66 6.79 -25.33 -1.97
C ASP C 66 7.29 -25.78 -0.61
N GLU C 67 6.36 -25.93 0.33
CA GLU C 67 6.75 -26.29 1.68
C GLU C 67 5.58 -26.92 2.41
N TRP C 68 5.93 -27.72 3.40
CA TRP C 68 4.95 -28.28 4.29
C TRP C 68 4.61 -27.20 5.31
N VAL C 69 3.33 -27.00 5.56
CA VAL C 69 2.94 -25.95 6.47
C VAL C 69 1.80 -26.44 7.38
N PRO C 70 1.74 -26.00 8.63
CA PRO C 70 0.60 -26.35 9.51
C PRO C 70 -0.70 -25.68 9.05
N GLU C 71 -1.83 -26.14 9.60
CA GLU C 71 -3.16 -25.64 9.23
C GLU C 71 -3.32 -24.13 9.36
N SER C 72 -2.75 -23.57 10.40
CA SER C 72 -2.90 -22.15 10.67
C SER C 72 -2.31 -21.20 9.63
N ARG C 73 -1.40 -21.67 8.78
CA ARG C 73 -0.85 -20.78 7.79
C ARG C 73 -1.73 -20.69 6.58
N VAL C 74 -2.79 -21.47 6.60
CA VAL C 74 -3.67 -21.56 5.46
C VAL C 74 -5.07 -21.08 5.75
N LEU C 75 -5.67 -20.42 4.76
CA LEU C 75 -7.04 -19.96 4.89
C LEU C 75 -7.86 -20.35 3.69
N LYS C 76 -9.16 -20.41 3.88
CA LYS C 76 -10.10 -20.69 2.82
C LYS C 76 -10.14 -19.60 1.74
N TYR C 77 -10.33 -20.02 0.49
CA TYR C 77 -10.36 -19.07 -0.61
C TYR C 77 -11.74 -18.43 -0.67
N VAL C 78 -12.01 -17.48 0.22
CA VAL C 78 -13.31 -16.85 0.34
C VAL C 78 -13.25 -15.31 0.51
N ASP C 79 -14.29 -14.59 0.10
CA ASP C 79 -14.28 -13.11 0.18
C ASP C 79 -13.66 -12.57 1.45
N THR C 80 -14.19 -12.98 2.58
CA THR C 80 -13.63 -12.58 3.89
C THR C 80 -12.08 -12.61 3.85
N ASN C 81 -11.53 -13.72 3.39
CA ASN C 81 -10.07 -13.89 3.41
C ASN C 81 -9.42 -13.10 2.32
N LEU C 82 -10.13 -12.92 1.23
CA LEU C 82 -9.58 -12.13 0.14
C LEU C 82 -9.50 -10.66 0.57
N GLN C 83 -10.49 -10.16 1.32
CA GLN C 83 -10.41 -8.80 1.82
C GLN C 83 -9.24 -8.66 2.80
N LYS C 84 -9.04 -9.69 3.64
CA LYS C 84 -7.91 -9.68 4.57
C LYS C 84 -6.62 -9.64 3.80
N GLN C 85 -6.54 -10.44 2.73
CA GLN C 85 -5.35 -10.42 1.91
C GLN C 85 -5.02 -8.96 1.44
N ARG C 86 -6.04 -8.24 0.93
CA ARG C 86 -5.88 -6.87 0.48
C ARG C 86 -5.39 -5.97 1.60
N GLU C 87 -6.02 -6.11 2.77
CA GLU C 87 -5.63 -5.28 3.91
C GLU C 87 -4.18 -5.56 4.29
N LEU C 88 -3.72 -6.83 4.23
CA LEU C 88 -2.34 -7.07 4.64
C LEU C 88 -1.35 -6.48 3.64
N GLN C 89 -1.65 -6.56 2.36
CA GLN C 89 -0.83 -5.98 1.30
C GLN C 89 -0.70 -4.51 1.58
N LYS C 90 -1.84 -3.91 1.92
CA LYS C 90 -1.92 -2.48 2.19
C LYS C 90 -1.14 -2.12 3.42
N ALA C 91 -1.31 -2.87 4.52
CA ALA C 91 -0.53 -2.59 5.73
C ALA C 91 0.98 -2.74 5.46
N ASN C 92 1.34 -3.78 4.70
CA ASN C 92 2.73 -3.99 4.34
C ASN C 92 3.22 -2.91 3.40
N GLN C 93 2.36 -2.46 2.50
CA GLN C 93 2.76 -1.39 1.59
C GLN C 93 2.96 -0.12 2.43
N GLU C 94 2.23 0.00 3.52
CA GLU C 94 2.31 1.18 4.37
C GLU C 94 3.55 1.14 5.23
N GLN C 95 4.11 -0.05 5.40
CA GLN C 95 5.35 -0.21 6.14
C GLN C 95 6.54 0.26 5.32
N TYR C 96 6.67 -0.26 4.10
CA TYR C 96 7.77 0.12 3.20
C TYR C 96 8.00 1.63 3.31
N ALA C 97 7.00 2.39 2.91
CA ALA C 97 7.04 3.84 3.00
C ALA C 97 6.58 4.17 4.40
N GLU C 98 7.51 4.48 5.29
CA GLU C 98 7.19 4.76 6.69
C GLU C 98 5.95 5.63 6.81
N ASP D 18 24.99 13.81 -14.58
CA ASP D 18 23.78 14.36 -15.25
C ASP D 18 23.97 15.82 -15.63
N PRO D 19 24.63 16.05 -16.76
CA PRO D 19 24.88 17.42 -17.25
C PRO D 19 23.59 18.14 -17.67
N LYS D 20 23.77 19.35 -18.19
CA LYS D 20 22.67 20.18 -18.67
C LYS D 20 21.52 20.31 -17.66
N PRO D 21 21.74 21.11 -16.61
CA PRO D 21 20.70 21.41 -15.64
C PRO D 21 19.60 22.23 -16.29
N LYS D 22 18.42 22.25 -15.68
CA LYS D 22 17.27 22.95 -16.24
C LYS D 22 17.40 24.47 -16.12
N PHE D 23 18.13 24.92 -15.10
CA PHE D 23 18.27 26.34 -14.84
C PHE D 23 19.74 26.76 -14.71
N GLN D 24 20.01 28.06 -14.87
CA GLN D 24 21.37 28.62 -14.84
C GLN D 24 21.55 29.71 -13.77
N GLU D 25 22.78 29.89 -13.29
CA GLU D 25 23.08 30.92 -12.30
C GLU D 25 22.52 32.27 -12.74
N GLY D 26 21.98 33.02 -11.79
CA GLY D 26 21.40 34.32 -12.11
C GLY D 26 20.01 34.30 -12.75
N GLU D 27 19.52 33.10 -13.07
CA GLU D 27 18.20 33.06 -13.70
C GLU D 27 17.08 33.39 -12.70
N ARG D 28 16.17 34.24 -13.13
CA ARG D 28 14.97 34.55 -12.39
C ARG D 28 14.00 33.38 -12.62
N VAL D 29 13.54 32.74 -11.54
CA VAL D 29 12.63 31.59 -11.61
C VAL D 29 11.41 31.70 -10.65
N LEU D 30 10.53 30.69 -10.72
CA LEU D 30 9.43 30.58 -9.81
C LEU D 30 9.80 29.36 -9.00
N CYS D 31 9.73 29.47 -7.68
CA CYS D 31 10.15 28.37 -6.83
C CYS D 31 9.10 28.07 -5.82
N PHE D 32 8.71 26.79 -5.72
CA PHE D 32 7.77 26.34 -4.70
C PHE D 32 8.40 26.42 -3.32
N HIS D 33 7.56 26.78 -2.37
CA HIS D 33 7.88 26.78 -0.95
C HIS D 33 6.53 26.52 -0.26
N GLY D 34 6.35 25.32 0.26
CA GLY D 34 5.04 24.99 0.79
C GLY D 34 4.08 24.94 -0.39
N PRO D 35 2.81 25.33 -0.18
CA PRO D 35 1.80 25.25 -1.25
C PRO D 35 1.79 26.45 -2.20
N LEU D 36 2.83 27.27 -2.19
CA LEU D 36 2.85 28.45 -3.05
C LEU D 36 4.09 28.58 -3.94
N LEU D 37 3.95 29.30 -5.03
CA LEU D 37 5.06 29.53 -5.95
C LEU D 37 5.46 30.97 -5.76
N TYR D 38 6.76 31.20 -5.62
CA TYR D 38 7.32 32.53 -5.31
C TYR D 38 8.34 32.95 -6.34
N GLU D 39 8.38 34.22 -6.69
CA GLU D 39 9.39 34.64 -7.65
C GLU D 39 10.73 34.51 -6.97
N ALA D 40 11.77 34.17 -7.70
CA ALA D 40 13.04 33.98 -7.04
C ALA D 40 14.21 33.92 -7.98
N LYS D 41 15.39 33.80 -7.43
CA LYS D 41 16.57 33.76 -8.25
C LYS D 41 17.47 32.56 -8.00
N CYS D 42 18.02 32.05 -9.09
CA CYS D 42 18.99 30.98 -9.04
C CYS D 42 20.38 31.56 -8.78
N VAL D 43 20.85 31.40 -7.55
CA VAL D 43 22.15 31.91 -7.15
C VAL D 43 23.28 30.98 -7.57
N LYS D 44 23.21 29.73 -7.13
CA LYS D 44 24.19 28.75 -7.56
C LYS D 44 23.58 27.42 -7.96
N VAL D 45 24.32 26.69 -8.78
CA VAL D 45 23.90 25.39 -9.28
C VAL D 45 25.00 24.40 -8.93
N ALA D 46 24.59 23.26 -8.39
CA ALA D 46 25.54 22.23 -8.01
C ALA D 46 25.03 20.85 -8.41
N ILE D 47 25.92 20.04 -8.97
CA ILE D 47 25.56 18.67 -9.29
C ILE D 47 25.93 17.86 -8.06
N LYS D 48 24.91 17.36 -7.37
CA LYS D 48 25.14 16.69 -6.10
C LYS D 48 24.52 15.30 -6.01
N ASP D 49 25.34 14.27 -6.20
CA ASP D 49 24.89 12.88 -6.13
C ASP D 49 24.06 12.51 -7.33
N LYS D 50 24.57 12.82 -8.51
CA LYS D 50 23.90 12.48 -9.76
C LYS D 50 22.67 13.33 -10.09
N GLN D 51 22.36 14.27 -9.20
CA GLN D 51 21.21 15.16 -9.42
C GLN D 51 21.62 16.63 -9.53
N VAL D 52 20.67 17.48 -9.90
CA VAL D 52 20.94 18.90 -9.98
C VAL D 52 20.23 19.56 -8.82
N LYS D 53 20.85 20.58 -8.25
CA LYS D 53 20.24 21.32 -7.14
C LYS D 53 20.45 22.79 -7.38
N TYR D 54 19.67 23.63 -6.70
CA TYR D 54 19.78 25.06 -6.91
C TYR D 54 19.71 25.84 -5.60
N PHE D 55 20.62 26.77 -5.41
CA PHE D 55 20.57 27.60 -4.22
C PHE D 55 19.62 28.73 -4.54
N ILE D 56 18.50 28.80 -3.84
CA ILE D 56 17.50 29.80 -4.16
C ILE D 56 17.42 30.95 -3.18
N HIS D 57 17.26 32.14 -3.72
CA HIS D 57 16.98 33.29 -2.89
C HIS D 57 15.64 33.79 -3.35
N TYR D 58 14.70 33.81 -2.42
CA TYR D 58 13.36 34.25 -2.72
C TYR D 58 13.30 35.78 -2.80
N SER D 59 12.76 36.32 -3.88
CA SER D 59 12.75 37.77 -3.98
C SER D 59 11.91 38.40 -2.89
N GLY D 60 12.42 39.48 -2.29
CA GLY D 60 11.71 40.15 -1.22
C GLY D 60 11.85 39.43 0.13
N TRP D 61 12.60 38.34 0.15
CA TRP D 61 12.79 37.57 1.38
C TRP D 61 14.18 37.79 1.96
N ASN D 62 14.29 37.77 3.28
CA ASN D 62 15.57 37.90 3.93
C ASN D 62 16.45 36.70 3.55
N LYS D 63 17.75 36.94 3.47
CA LYS D 63 18.70 35.93 2.98
C LYS D 63 18.79 34.61 3.73
N ASN D 64 18.19 34.50 4.91
CA ASN D 64 18.31 33.23 5.64
C ASN D 64 17.33 32.18 5.18
N TRP D 65 16.43 32.57 4.29
CA TRP D 65 15.49 31.62 3.73
C TRP D 65 16.13 31.01 2.49
N ASP D 66 17.26 31.56 2.09
CA ASP D 66 18.01 31.04 0.98
C ASP D 66 18.24 29.56 1.28
N GLU D 67 18.07 28.70 0.28
CA GLU D 67 18.24 27.28 0.47
C GLU D 67 18.62 26.53 -0.83
N TRP D 68 19.17 25.34 -0.66
CA TRP D 68 19.49 24.48 -1.78
C TRP D 68 18.19 23.78 -2.06
N VAL D 69 17.83 23.67 -3.32
CA VAL D 69 16.55 23.01 -3.66
C VAL D 69 16.74 22.07 -4.81
N PRO D 70 15.97 21.00 -4.87
CA PRO D 70 16.04 20.11 -6.02
C PRO D 70 15.24 20.70 -7.17
N GLU D 71 15.58 20.33 -8.40
CA GLU D 71 14.90 20.80 -9.62
C GLU D 71 13.37 20.82 -9.55
N SER D 72 12.80 19.71 -9.05
CA SER D 72 11.36 19.60 -8.89
C SER D 72 10.77 20.88 -8.35
N ARG D 73 11.48 21.57 -7.47
CA ARG D 73 10.84 22.73 -6.84
C ARG D 73 10.86 24.02 -7.62
N VAL D 74 11.53 23.99 -8.75
CA VAL D 74 11.77 25.19 -9.55
C VAL D 74 11.07 25.19 -10.90
N LEU D 75 10.41 26.30 -11.20
CA LEU D 75 9.76 26.45 -12.49
C LEU D 75 10.20 27.68 -13.28
N LYS D 76 10.23 27.51 -14.61
CA LYS D 76 10.58 28.58 -15.54
C LYS D 76 9.69 29.78 -15.32
N TYR D 77 10.26 30.99 -15.41
CA TYR D 77 9.47 32.20 -15.18
C TYR D 77 8.77 32.54 -16.50
N VAL D 78 7.58 31.98 -16.68
CA VAL D 78 6.92 31.98 -17.95
C VAL D 78 5.44 32.13 -17.68
N ASP D 79 4.68 32.65 -18.65
CA ASP D 79 3.24 32.89 -18.49
C ASP D 79 2.49 31.73 -17.88
N THR D 80 2.71 30.56 -18.47
CA THR D 80 2.14 29.31 -17.99
C THR D 80 2.21 29.20 -16.45
N ASN D 81 3.43 29.34 -15.92
CA ASN D 81 3.73 29.13 -14.50
C ASN D 81 3.30 30.30 -13.67
N LEU D 82 3.31 31.47 -14.29
CA LEU D 82 2.79 32.69 -13.67
C LEU D 82 1.28 32.52 -13.45
N GLN D 83 0.61 31.86 -14.39
CA GLN D 83 -0.83 31.66 -14.23
C GLN D 83 -1.02 30.62 -13.11
N LYS D 84 -0.15 29.60 -13.09
CA LYS D 84 -0.19 28.60 -12.03
C LYS D 84 -0.06 29.29 -10.66
N GLN D 85 1.01 30.08 -10.51
CA GLN D 85 1.26 30.87 -9.29
C GLN D 85 0.02 31.61 -8.83
N ARG D 86 -0.57 32.35 -9.75
CA ARG D 86 -1.79 33.13 -9.47
C ARG D 86 -2.94 32.18 -9.01
N GLU D 87 -3.16 31.09 -9.72
CA GLU D 87 -4.20 30.15 -9.28
C GLU D 87 -3.89 29.55 -7.91
N LEU D 88 -2.62 29.28 -7.67
CA LEU D 88 -2.26 28.73 -6.38
C LEU D 88 -2.48 29.77 -5.26
N GLN D 89 -2.23 31.06 -5.53
CA GLN D 89 -2.49 32.08 -4.51
C GLN D 89 -3.98 32.10 -4.14
N LYS D 90 -4.80 32.20 -5.16
CA LYS D 90 -6.25 32.17 -4.96
C LYS D 90 -6.70 30.90 -4.22
N ALA D 91 -6.25 29.73 -4.65
CA ALA D 91 -6.68 28.49 -3.99
C ALA D 91 -6.30 28.48 -2.52
N ASN D 92 -5.08 28.93 -2.23
CA ASN D 92 -4.56 28.89 -0.88
C ASN D 92 -5.38 29.83 0.00
N GLN D 93 -5.74 30.98 -0.55
CA GLN D 93 -6.60 31.93 0.14
C GLN D 93 -7.90 31.26 0.53
N GLU D 94 -8.54 30.65 -0.46
CA GLU D 94 -9.84 30.00 -0.27
C GLU D 94 -9.91 29.01 0.89
N GLN D 95 -8.79 28.37 1.22
CA GLN D 95 -8.78 27.40 2.31
C GLN D 95 -9.23 28.00 3.64
N TYR D 96 -9.60 29.28 3.60
CA TYR D 96 -10.11 29.98 4.77
C TYR D 96 -11.54 30.40 4.52
N ASP E 18 11.73 -22.18 11.67
CA ASP E 18 10.56 -21.94 10.77
C ASP E 18 10.48 -20.48 10.39
N PRO E 19 11.46 -20.02 9.62
CA PRO E 19 11.65 -18.62 9.24
C PRO E 19 10.41 -17.81 8.87
N LYS E 20 10.68 -16.56 8.47
CA LYS E 20 9.68 -15.58 8.04
C LYS E 20 8.53 -15.31 9.02
N PRO E 21 8.83 -14.49 10.01
CA PRO E 21 7.86 -14.08 11.02
C PRO E 21 6.76 -13.25 10.38
N LYS E 22 5.56 -13.41 10.87
CA LYS E 22 4.44 -12.65 10.38
C LYS E 22 4.54 -11.18 10.85
N PHE E 23 5.23 -10.96 11.95
CA PHE E 23 5.31 -9.61 12.48
C PHE E 23 6.74 -9.13 12.72
N GLN E 24 6.95 -7.84 12.83
CA GLN E 24 8.31 -7.33 13.03
C GLN E 24 8.44 -6.40 14.24
N GLU E 25 9.66 -6.28 14.76
CA GLU E 25 9.90 -5.45 15.94
C GLU E 25 9.44 -4.05 15.63
N GLY E 26 8.81 -3.40 16.60
CA GLY E 26 8.28 -2.06 16.39
C GLY E 26 6.82 -2.01 15.88
N GLU E 27 6.36 -3.05 15.20
CA GLU E 27 4.99 -3.06 14.65
C GLU E 27 3.85 -2.95 15.67
N ARG E 28 2.95 -2.02 15.40
CA ARG E 28 1.74 -1.87 16.16
C ARG E 28 0.92 -3.07 15.71
N VAL E 29 0.38 -3.78 16.67
CA VAL E 29 -0.34 -4.98 16.39
C VAL E 29 -1.55 -5.02 17.28
N LEU E 30 -2.37 -6.04 17.11
CA LEU E 30 -3.48 -6.29 18.03
C LEU E 30 -3.11 -7.64 18.63
N CYS E 31 -3.29 -7.83 19.94
CA CYS E 31 -2.91 -9.09 20.57
C CYS E 31 -4.02 -9.59 21.47
N PHE E 32 -4.29 -10.90 21.40
CA PHE E 32 -5.22 -11.54 22.29
C PHE E 32 -4.70 -11.65 23.72
N HIS E 33 -5.58 -11.39 24.67
CA HIS E 33 -5.21 -11.59 26.06
C HIS E 33 -6.45 -12.19 26.66
N GLY E 34 -6.48 -13.51 26.84
CA GLY E 34 -7.71 -14.15 27.26
C GLY E 34 -8.71 -14.07 26.11
N PRO E 35 -9.95 -13.65 26.38
CA PRO E 35 -10.99 -13.56 25.33
C PRO E 35 -11.04 -12.25 24.55
N LEU E 36 -10.17 -11.31 24.83
CA LEU E 36 -10.27 -10.06 24.09
C LEU E 36 -9.00 -9.63 23.36
N LEU E 37 -9.15 -8.76 22.40
CA LEU E 37 -8.05 -8.27 21.59
C LEU E 37 -7.63 -6.91 22.11
N TYR E 38 -6.33 -6.65 22.15
CA TYR E 38 -5.86 -5.37 22.66
C TYR E 38 -4.82 -4.78 21.76
N GLU E 39 -4.85 -3.45 21.63
CA GLU E 39 -3.84 -2.78 20.86
C GLU E 39 -2.49 -3.04 21.58
N ALA E 40 -1.46 -3.34 20.80
CA ALA E 40 -0.16 -3.70 21.36
C ALA E 40 0.95 -3.39 20.42
N LYS E 41 2.17 -3.68 20.85
CA LYS E 41 3.34 -3.47 20.05
C LYS E 41 4.26 -4.65 20.17
N CYS E 42 4.78 -5.12 19.04
CA CYS E 42 5.74 -6.20 19.07
C CYS E 42 7.14 -5.67 19.41
N VAL E 43 7.56 -5.87 20.64
CA VAL E 43 8.86 -5.35 21.10
C VAL E 43 10.03 -6.16 20.53
N LYS E 44 9.96 -7.48 20.66
CA LYS E 44 10.98 -8.34 20.09
C LYS E 44 10.43 -9.56 19.32
N VAL E 45 11.27 -10.10 18.45
CA VAL E 45 10.92 -11.30 17.72
C VAL E 45 12.00 -12.34 18.01
N ALA E 46 11.60 -13.55 18.38
CA ALA E 46 12.56 -14.61 18.64
C ALA E 46 12.03 -15.89 18.03
N ILE E 47 12.87 -16.61 17.30
CA ILE E 47 12.42 -17.81 16.62
C ILE E 47 12.91 -19.08 17.33
N LYS E 48 12.32 -19.38 18.49
CA LYS E 48 12.72 -20.54 19.27
C LYS E 48 12.43 -21.86 18.56
N ASP E 49 13.49 -22.55 18.14
CA ASP E 49 13.41 -23.83 17.46
C ASP E 49 12.06 -24.11 16.82
N LYS E 50 12.00 -23.93 15.51
CA LYS E 50 10.79 -24.19 14.74
C LYS E 50 9.58 -23.31 15.12
N GLN E 51 9.77 -22.40 16.07
CA GLN E 51 8.65 -21.56 16.52
C GLN E 51 8.98 -20.06 16.52
N VAL E 52 8.01 -19.23 16.15
CA VAL E 52 8.20 -17.79 16.17
C VAL E 52 7.39 -17.22 17.31
N LYS E 53 8.04 -16.46 18.16
CA LYS E 53 7.37 -15.87 19.31
C LYS E 53 7.56 -14.35 19.34
N TYR E 54 6.67 -13.68 20.04
CA TYR E 54 6.73 -12.24 20.06
C TYR E 54 6.73 -11.66 21.49
N PHE E 55 7.63 -10.73 21.75
CA PHE E 55 7.59 -10.07 23.05
C PHE E 55 6.61 -8.94 22.94
N ILE E 56 5.47 -9.11 23.58
CA ILE E 56 4.41 -8.12 23.48
C ILE E 56 4.33 -7.15 24.66
N HIS E 57 4.11 -5.88 24.36
CA HIS E 57 3.69 -4.93 25.37
C HIS E 57 2.33 -4.42 24.94
N TYR E 58 1.40 -4.50 25.86
CA TYR E 58 0.06 -4.03 25.59
C TYR E 58 -0.02 -2.50 25.84
N SER E 59 -0.44 -1.75 24.84
CA SER E 59 -0.42 -0.29 24.98
C SER E 59 -1.35 0.25 26.05
N GLY E 60 -0.80 1.18 26.81
CA GLY E 60 -1.54 1.83 27.86
C GLY E 60 -1.58 0.94 29.09
N TRP E 61 -0.86 -0.18 29.03
CA TRP E 61 -0.82 -1.13 30.14
C TRP E 61 0.51 -1.03 30.82
N ASN E 62 0.53 -1.26 32.13
CA ASN E 62 1.81 -1.30 32.83
C ASN E 62 2.69 -2.40 32.25
N LYS E 63 3.99 -2.13 32.20
CA LYS E 63 5.00 -2.98 31.60
C LYS E 63 5.18 -4.39 32.17
N ASN E 64 4.71 -4.64 33.38
CA ASN E 64 4.90 -5.96 33.99
C ASN E 64 3.94 -6.95 33.38
N TRP E 65 3.03 -6.44 32.55
CA TRP E 65 2.11 -7.31 31.86
C TRP E 65 2.75 -7.79 30.55
N ASP E 66 3.96 -7.30 30.26
CA ASP E 66 4.66 -7.68 29.05
C ASP E 66 4.92 -9.20 29.03
N GLU E 67 4.97 -9.80 27.83
CA GLU E 67 5.10 -11.25 27.79
C GLU E 67 5.41 -11.80 26.38
N TRP E 68 6.07 -12.94 26.34
CA TRP E 68 6.39 -13.62 25.11
C TRP E 68 5.09 -14.26 24.65
N VAL E 69 4.81 -14.19 23.39
CA VAL E 69 3.51 -14.69 22.94
C VAL E 69 3.71 -15.47 21.66
N PRO E 70 2.95 -16.53 21.43
CA PRO E 70 3.00 -17.23 20.15
C PRO E 70 2.28 -16.46 19.05
N GLU E 71 2.69 -16.69 17.79
CA GLU E 71 2.12 -16.03 16.62
C GLU E 71 0.61 -15.99 16.56
N SER E 72 -0.01 -17.12 16.88
CA SER E 72 -1.45 -17.26 16.78
C SER E 72 -2.19 -16.29 17.69
N ARG E 73 -1.48 -15.65 18.60
CA ARG E 73 -2.15 -14.72 19.49
C ARG E 73 -2.07 -13.30 18.99
N VAL E 74 -1.31 -13.10 17.92
CA VAL E 74 -1.10 -11.77 17.42
C VAL E 74 -1.82 -11.54 16.06
N LEU E 75 -2.41 -10.36 15.86
CA LEU E 75 -3.06 -10.06 14.56
C LEU E 75 -2.65 -8.72 14.00
N LYS E 76 -2.72 -8.64 12.69
CA LYS E 76 -2.38 -7.41 11.96
C LYS E 76 -3.30 -6.24 12.34
N TYR E 77 -2.72 -5.05 12.45
CA TYR E 77 -3.53 -3.90 12.79
C TYR E 77 -4.25 -3.40 11.53
N VAL E 78 -5.34 -4.06 11.14
CA VAL E 78 -6.11 -3.67 9.99
C VAL E 78 -7.62 -3.64 10.31
N ASP E 79 -8.39 -3.07 9.39
CA ASP E 79 -9.82 -2.88 9.61
C ASP E 79 -10.55 -4.16 9.95
N THR E 80 -10.28 -5.20 9.17
CA THR E 80 -10.90 -6.47 9.45
C THR E 80 -10.70 -6.94 10.91
N ASN E 81 -9.48 -6.84 11.38
CA ASN E 81 -9.20 -7.21 12.76
C ASN E 81 -9.70 -6.14 13.77
N LEU E 82 -9.79 -4.89 13.37
CA LEU E 82 -10.37 -3.91 14.31
C LEU E 82 -11.87 -4.16 14.50
N GLN E 83 -12.53 -4.67 13.46
CA GLN E 83 -13.97 -4.97 13.54
C GLN E 83 -14.16 -6.17 14.49
N LYS E 84 -13.35 -7.21 14.31
CA LYS E 84 -13.36 -8.34 15.22
C LYS E 84 -13.19 -7.84 16.65
N GLN E 85 -12.14 -7.05 16.88
CA GLN E 85 -11.93 -6.49 18.22
C GLN E 85 -13.22 -5.90 18.80
N ARG E 86 -13.82 -4.99 18.03
CA ARG E 86 -15.07 -4.33 18.37
C ARG E 86 -16.10 -5.37 18.78
N GLU E 87 -16.36 -6.30 17.85
CA GLU E 87 -17.35 -7.36 18.09
C GLU E 87 -17.06 -8.19 19.34
N LEU E 88 -15.79 -8.45 19.63
CA LEU E 88 -15.47 -9.22 20.82
C LEU E 88 -15.72 -8.33 22.01
N GLN E 89 -15.62 -7.02 21.84
CA GLN E 89 -15.94 -6.15 22.95
C GLN E 89 -17.44 -6.18 23.20
N LYS E 90 -18.21 -6.17 22.12
CA LYS E 90 -19.67 -6.15 22.23
C LYS E 90 -20.22 -7.45 22.76
N ALA E 91 -19.49 -8.55 22.58
CA ALA E 91 -19.94 -9.82 23.10
C ALA E 91 -19.48 -9.97 24.54
N ASN E 92 -18.38 -9.30 24.88
CA ASN E 92 -17.82 -9.40 26.23
C ASN E 92 -18.65 -8.67 27.26
N GLN E 93 -19.28 -7.59 26.85
CA GLN E 93 -20.15 -6.87 27.77
C GLN E 93 -21.34 -7.77 27.98
N GLU E 94 -21.92 -8.22 26.87
CA GLU E 94 -23.01 -9.16 26.96
C GLU E 94 -22.61 -10.08 28.10
N GLN E 95 -22.64 -9.48 29.28
CA GLN E 95 -22.30 -10.13 30.53
C GLN E 95 -23.53 -10.88 31.04
N PRO F 21 3.01 2.79 -14.61
CA PRO F 21 3.92 3.85 -15.14
C PRO F 21 3.10 4.95 -15.78
N LYS F 22 3.57 6.18 -15.69
CA LYS F 22 2.81 7.29 -16.28
C LYS F 22 2.86 7.27 -17.81
N PHE F 23 3.94 6.74 -18.35
CA PHE F 23 4.06 6.71 -19.81
C PHE F 23 4.23 5.27 -20.29
N GLN F 24 3.85 4.98 -21.54
CA GLN F 24 3.97 3.62 -22.08
C GLN F 24 4.75 3.53 -23.41
N GLU F 25 5.36 2.37 -23.64
CA GLU F 25 6.18 2.15 -24.82
C GLU F 25 5.50 2.61 -26.10
N GLY F 26 6.28 3.24 -26.97
CA GLY F 26 5.72 3.72 -28.22
C GLY F 26 5.00 5.04 -28.10
N GLU F 27 4.86 5.54 -26.88
CA GLU F 27 4.12 6.80 -26.65
C GLU F 27 4.90 8.03 -27.11
N ARG F 28 4.30 8.88 -27.93
CA ARG F 28 4.94 10.12 -28.30
C ARG F 28 4.89 10.98 -27.04
N VAL F 29 6.04 11.52 -26.67
CA VAL F 29 6.16 12.24 -25.43
C VAL F 29 6.91 13.56 -25.64
N LEU F 30 6.96 14.41 -24.61
CA LEU F 30 7.77 15.61 -24.66
C LEU F 30 8.78 15.37 -23.62
N CYS F 31 10.06 15.65 -23.91
CA CYS F 31 11.08 15.39 -22.91
C CYS F 31 12.01 16.55 -22.73
N PHE F 32 12.35 16.82 -21.47
CA PHE F 32 13.22 17.94 -21.12
C PHE F 32 14.67 17.59 -21.44
N HIS F 33 15.39 18.59 -21.93
CA HIS F 33 16.81 18.41 -22.17
C HIS F 33 17.43 19.74 -21.89
N GLY F 34 18.16 19.86 -20.79
CA GLY F 34 18.58 21.18 -20.42
C GLY F 34 17.29 21.98 -20.11
N PRO F 35 17.24 23.22 -20.54
CA PRO F 35 16.09 24.07 -20.28
C PRO F 35 15.02 24.07 -21.37
N LEU F 36 14.97 23.03 -22.19
CA LEU F 36 14.01 23.04 -23.31
C LEU F 36 13.25 21.73 -23.42
N LEU F 37 12.10 21.76 -24.07
CA LEU F 37 11.28 20.56 -24.23
C LEU F 37 11.33 20.02 -25.64
N TYR F 38 11.62 18.73 -25.78
CA TYR F 38 11.72 18.14 -27.12
C TYR F 38 10.76 16.99 -27.34
N GLU F 39 10.16 16.98 -28.53
CA GLU F 39 9.33 15.86 -28.96
C GLU F 39 10.22 14.63 -28.87
N ALA F 40 9.66 13.54 -28.39
CA ALA F 40 10.45 12.36 -28.19
C ALA F 40 9.54 11.15 -28.13
N LYS F 41 10.12 9.98 -27.87
CA LYS F 41 9.40 8.74 -27.86
C LYS F 41 9.89 7.91 -26.70
N CYS F 42 8.95 7.29 -26.02
CA CYS F 42 9.28 6.42 -24.92
C CYS F 42 9.47 5.00 -25.44
N VAL F 43 10.72 4.59 -25.67
CA VAL F 43 10.94 3.28 -26.28
C VAL F 43 10.85 2.13 -25.29
N LYS F 44 11.46 2.27 -24.13
CA LYS F 44 11.42 1.19 -23.14
C LYS F 44 11.27 1.63 -21.69
N VAL F 45 10.34 0.98 -20.98
CA VAL F 45 10.09 1.31 -19.58
C VAL F 45 10.72 0.31 -18.60
N ALA F 46 11.73 0.78 -17.87
CA ALA F 46 12.36 -0.05 -16.87
C ALA F 46 12.04 0.56 -15.50
N ILE F 47 11.61 -0.28 -14.57
CA ILE F 47 11.23 0.21 -13.25
C ILE F 47 12.32 -0.08 -12.22
N LYS F 48 13.23 0.89 -12.15
CA LYS F 48 14.50 0.82 -11.44
C LYS F 48 14.56 1.58 -10.11
N ASP F 49 15.14 0.93 -9.10
CA ASP F 49 15.36 1.53 -7.78
C ASP F 49 14.13 2.15 -7.13
N LYS F 50 12.98 1.49 -7.24
CA LYS F 50 11.75 1.96 -6.60
C LYS F 50 11.04 3.07 -7.38
N GLN F 51 11.60 3.47 -8.51
CA GLN F 51 10.98 4.48 -9.35
C GLN F 51 10.88 3.93 -10.78
N VAL F 52 10.14 4.62 -11.64
CA VAL F 52 10.08 4.16 -13.02
C VAL F 52 11.02 5.02 -13.81
N LYS F 53 11.71 4.40 -14.74
CA LYS F 53 12.58 5.15 -15.64
C LYS F 53 12.19 4.83 -17.05
N TYR F 54 12.51 5.74 -17.96
CA TYR F 54 12.16 5.59 -19.36
C TYR F 54 13.39 5.79 -20.25
N PHE F 55 13.51 4.98 -21.29
CA PHE F 55 14.58 5.17 -22.28
C PHE F 55 13.98 6.06 -23.36
N ILE F 56 14.59 7.20 -23.59
CA ILE F 56 13.98 8.17 -24.52
C ILE F 56 14.77 8.27 -25.84
N HIS F 57 14.08 8.44 -26.95
CA HIS F 57 14.79 8.56 -28.20
C HIS F 57 15.02 9.97 -28.77
N TYR F 58 14.06 10.86 -28.65
CA TYR F 58 14.17 12.21 -29.22
C TYR F 58 14.02 12.17 -30.73
N SER F 59 12.85 12.57 -31.20
CA SER F 59 12.59 12.54 -32.61
C SER F 59 13.47 13.52 -33.39
N GLY F 60 14.06 13.01 -34.48
CA GLY F 60 14.93 13.80 -35.31
C GLY F 60 16.38 13.63 -34.87
N TRP F 61 16.61 13.58 -33.56
CA TRP F 61 17.97 13.41 -33.04
C TRP F 61 18.47 12.03 -33.41
N ASN F 62 19.78 11.93 -33.61
CA ASN F 62 20.36 10.64 -33.91
C ASN F 62 20.38 9.69 -32.71
N LYS F 63 20.46 8.41 -33.02
CA LYS F 63 20.35 7.32 -32.05
C LYS F 63 21.25 7.36 -30.81
N ASN F 64 22.35 8.10 -30.85
CA ASN F 64 23.25 8.08 -29.69
C ASN F 64 22.98 9.13 -28.65
N TRP F 65 21.84 9.80 -28.77
CA TRP F 65 21.44 10.76 -27.77
C TRP F 65 20.44 10.09 -26.84
N ASP F 66 19.91 8.94 -27.29
CA ASP F 66 18.99 8.14 -26.50
C ASP F 66 19.51 7.99 -25.07
N GLU F 67 18.62 8.09 -24.09
CA GLU F 67 19.06 8.01 -22.70
C GLU F 67 18.00 7.51 -21.74
N TRP F 68 18.46 7.08 -20.57
CA TRP F 68 17.56 6.64 -19.50
C TRP F 68 17.22 7.88 -18.71
N VAL F 69 15.93 8.14 -18.56
CA VAL F 69 15.48 9.34 -17.87
C VAL F 69 14.44 9.02 -16.80
N PRO F 70 14.47 9.75 -15.68
CA PRO F 70 13.42 9.60 -14.64
C PRO F 70 12.18 10.36 -15.08
N GLU F 71 11.01 9.96 -14.59
CA GLU F 71 9.68 10.53 -14.94
C GLU F 71 9.57 12.04 -14.93
N SER F 72 10.27 12.69 -14.02
CA SER F 72 10.28 14.12 -13.92
C SER F 72 10.60 14.79 -15.26
N ARG F 73 11.53 14.22 -16.03
CA ARG F 73 11.89 14.85 -17.29
C ARG F 73 10.95 14.62 -18.47
N VAL F 74 9.91 13.85 -18.24
CA VAL F 74 8.97 13.53 -19.28
C VAL F 74 7.62 14.17 -19.04
N LEU F 75 6.97 14.61 -20.12
CA LEU F 75 5.66 15.22 -20.03
C LEU F 75 4.74 14.65 -21.08
N LYS F 76 3.43 14.72 -20.83
CA LYS F 76 2.45 14.25 -21.79
C LYS F 76 2.35 15.12 -23.02
N TYR F 77 2.09 14.48 -24.16
CA TYR F 77 2.04 15.21 -25.40
C TYR F 77 0.68 15.87 -25.52
N VAL F 78 0.46 16.93 -24.76
CA VAL F 78 -0.84 17.56 -24.79
C VAL F 78 -0.72 19.04 -25.00
N ASP F 79 -1.79 19.71 -25.43
CA ASP F 79 -1.69 21.15 -25.68
C ASP F 79 -1.11 21.98 -24.53
N THR F 80 -1.38 21.57 -23.29
CA THR F 80 -0.85 22.35 -22.16
C THR F 80 0.68 22.34 -22.19
N ASN F 81 1.24 21.15 -22.42
CA ASN F 81 2.65 20.97 -22.46
C ASN F 81 3.28 21.54 -23.71
N LEU F 82 2.53 21.50 -24.82
CA LEU F 82 3.04 22.10 -26.06
C LEU F 82 3.20 23.61 -25.90
N GLN F 83 2.18 24.25 -25.34
CA GLN F 83 2.26 25.66 -25.07
C GLN F 83 3.44 25.95 -24.16
N LYS F 84 3.65 25.11 -23.14
CA LYS F 84 4.77 25.33 -22.23
C LYS F 84 6.08 25.27 -23.06
N GLN F 85 6.14 24.28 -23.93
CA GLN F 85 7.29 24.09 -24.80
C GLN F 85 7.62 25.41 -25.53
N ARG F 86 6.57 26.01 -26.08
CA ARG F 86 6.66 27.23 -26.85
C ARG F 86 7.25 28.30 -25.95
N GLU F 87 6.65 28.46 -24.78
CA GLU F 87 7.14 29.43 -23.85
C GLU F 87 8.59 29.19 -23.37
N LEU F 88 9.02 27.93 -23.26
CA LEU F 88 10.37 27.73 -22.76
C LEU F 88 11.37 28.13 -23.84
N GLN F 89 10.93 28.12 -25.09
CA GLN F 89 11.79 28.48 -26.20
C GLN F 89 11.92 29.98 -26.28
N LYS F 90 10.81 30.66 -26.08
CA LYS F 90 10.79 32.10 -26.09
C LYS F 90 11.65 32.55 -24.92
N ALA F 91 11.56 31.85 -23.79
CA ALA F 91 12.38 32.18 -22.64
C ALA F 91 13.88 31.90 -22.83
N ASN F 92 14.23 30.82 -23.52
CA ASN F 92 15.63 30.55 -23.78
C ASN F 92 16.11 31.59 -24.76
N GLN F 93 15.17 32.17 -25.50
CA GLN F 93 15.45 33.20 -26.50
C GLN F 93 15.99 34.40 -25.76
N GLU F 94 15.23 34.86 -24.77
CA GLU F 94 15.67 35.97 -23.95
C GLU F 94 17.01 35.59 -23.31
N GLN F 95 17.29 34.29 -23.28
CA GLN F 95 18.54 33.79 -22.73
C GLN F 95 19.70 34.03 -23.70
N TYR F 96 19.53 35.00 -24.58
CA TYR F 96 20.54 35.34 -25.57
C TYR F 96 20.76 36.84 -25.57
N ALA F 97 19.67 37.59 -25.67
CA ALA F 97 19.70 39.05 -25.74
C ALA F 97 20.06 39.73 -24.42
N GLU F 98 19.92 39.02 -23.31
CA GLU F 98 20.24 39.61 -22.02
C GLU F 98 21.70 39.40 -21.64
#